data_6L2J
#
_entry.id   6L2J
#
_cell.length_a   53.850
_cell.length_b   78.920
_cell.length_c   67.750
_cell.angle_alpha   90.000
_cell.angle_beta   92.950
_cell.angle_gamma   90.000
#
_symmetry.space_group_name_H-M   'P 1 21 1'
#
loop_
_entity.id
_entity.type
_entity.pdbx_description
1 polymer Lactoperoxidase
2 branched alpha-D-mannopyranose-(1-3)-alpha-D-mannopyranose-(1-6)-[alpha-D-mannopyranose-(1-3)]beta-D-mannopyranose-(1-4)-2-acetamido-2-deoxy-beta-D-glucopyranose-(1-4)-2-acetamido-2-deoxy-beta-D-glucopyranose
3 branched 2-acetamido-2-deoxy-beta-D-glucopyranose-(1-4)-2-acetamido-2-deoxy-beta-D-glucopyranose
4 non-polymer 'PROTOPORPHYRIN IX CONTAINING FE'
5 non-polymer 2-acetamido-2-deoxy-beta-D-glucopyranose
6 non-polymer 'IODIDE ION'
7 non-polymer 'THIOCYANATE ION'
8 non-polymer 1-(OXIDOSULFANYL)METHANAMINE
9 non-polymer 'HYDROGEN PEROXIDE'
10 non-polymer 'CALCIUM ION'
11 water water
#
_entity_poly.entity_id   1
_entity_poly.type   'polypeptide(L)'
_entity_poly.pdbx_seq_one_letter_code
;SWEVGCGAPVPLVKCDENSPYRTITGDCNNRRSPALGAANRALARWLPAEYEDGLALPFGWTQRKTRNGFRVPLAREVSN
KIVGYLDEEGVLDQNRSLLFMQWGQIVDHDLDFAPETELGSNEHSKTQCEEYCIQGDNCFPIMFPKNDPKLKTQGKCMPF
SRAGFVCPTPPYQSLAREQINAVTSFLDASLVYGSEPSLASRLRNLSSPLGLMAVNQEAWDHGLAYLPFNNKKPSPCEFI
NTTARVPCFLAGDSRASEQILLATAHTLLLREHNRLARELKKLNPHWNGEKLYQEARKILGAFIQIITFRDYLPIVLGSE
MQKWIPPYQGYNNSVDPRISNVFTFAFRFGHMEVPSTVSRLDENYQPWGPEAELPLHTLFFNTWRIIKDGGIDPLVRGLL
AKKSKLMNQDKMVTSELRNKLFQPTHKIHGFDLAAINLQRCRDHGMPGYNSWRGFCGLSQPKTLKGLQTVLKNKILAKKL
MDLYKTPDNIDIWIGGNAEPMVERGRVGPLLACLLGRQFQQIRDGDRFWWENPGVFTEKQRDSLQKVSFSRLICDNTHIT
KVPLHAFQANNYPHDFVDCSTVDKLDLSPWASREN
;
_entity_poly.pdbx_strand_id   A
#
# COMPACT_ATOMS: atom_id res chain seq x y z
N SER A 1 16.46 -3.62 31.98
CA SER A 1 16.72 -5.05 31.62
C SER A 1 15.87 -5.45 30.41
N TRP A 2 16.46 -5.37 29.21
CA TRP A 2 15.78 -5.62 27.90
C TRP A 2 15.34 -7.09 27.83
N GLU A 3 14.59 -7.44 26.77
CA GLU A 3 13.98 -8.78 26.56
C GLU A 3 13.48 -8.87 25.12
N VAL A 4 14.31 -8.46 24.15
CA VAL A 4 13.98 -8.42 22.69
C VAL A 4 13.76 -9.87 22.21
N GLY A 5 14.04 -10.84 23.09
CA GLY A 5 13.52 -12.22 23.03
C GLY A 5 12.37 -12.40 22.04
N CYS A 6 11.14 -12.00 22.40
CA CYS A 6 9.88 -12.53 21.77
C CYS A 6 9.84 -12.26 20.26
N GLY A 7 9.16 -13.15 19.53
CA GLY A 7 9.01 -13.20 18.06
C GLY A 7 8.77 -14.64 17.59
N ALA A 8 7.79 -15.33 18.21
CA ALA A 8 7.75 -16.80 18.40
C ALA A 8 7.85 -17.54 17.07
N PRO A 9 6.83 -17.51 16.18
CA PRO A 9 6.74 -18.47 15.07
C PRO A 9 8.05 -18.63 14.27
N VAL A 10 8.82 -17.54 14.15
CA VAL A 10 10.26 -17.48 13.70
C VAL A 10 10.45 -18.11 12.31
N PRO A 11 10.77 -17.28 11.30
CA PRO A 11 11.52 -17.75 10.13
C PRO A 11 13.03 -17.72 10.42
N LEU A 12 13.49 -18.54 11.39
CA LEU A 12 14.86 -18.44 11.98
C LEU A 12 15.89 -18.93 10.95
N VAL A 13 16.53 -17.98 10.25
CA VAL A 13 17.70 -18.22 9.35
C VAL A 13 18.95 -17.68 10.03
N LYS A 14 20.04 -18.46 10.04
CA LYS A 14 21.40 -17.98 10.37
C LYS A 14 21.94 -17.27 9.12
N CYS A 15 22.90 -16.36 9.29
CA CYS A 15 23.34 -15.42 8.22
C CYS A 15 24.74 -15.77 7.73
N ASP A 16 24.89 -15.87 6.41
CA ASP A 16 26.17 -16.20 5.73
C ASP A 16 26.95 -14.91 5.47
N GLU A 17 28.21 -14.85 5.90
CA GLU A 17 29.09 -13.66 5.70
C GLU A 17 29.22 -13.42 4.19
N ASN A 18 29.14 -12.17 3.75
CA ASN A 18 29.48 -11.76 2.36
C ASN A 18 28.49 -12.41 1.38
N SER A 19 27.33 -12.84 1.85
CA SER A 19 26.22 -13.30 0.98
C SER A 19 25.85 -12.18 -0.01
N PRO A 20 25.78 -12.46 -1.33
CA PRO A 20 25.65 -11.40 -2.34
C PRO A 20 24.28 -10.79 -2.63
N TYR A 21 23.18 -11.40 -2.16
CA TYR A 21 21.80 -10.91 -2.48
C TYR A 21 20.98 -10.84 -1.18
N ARG A 22 19.90 -10.04 -1.19
CA ARG A 22 18.87 -10.02 -0.12
C ARG A 22 18.33 -11.43 0.07
N THR A 23 18.02 -11.80 1.30
CA THR A 23 17.07 -12.88 1.58
C THR A 23 15.67 -12.46 1.12
N ILE A 24 14.81 -13.44 0.91
CA ILE A 24 13.37 -13.21 0.61
C ILE A 24 12.69 -12.68 1.88
N THR A 25 13.07 -13.14 3.07
CA THR A 25 12.38 -12.79 4.34
C THR A 25 12.82 -11.43 4.88
N GLY A 26 13.96 -10.91 4.42
CA GLY A 26 14.55 -9.66 4.91
C GLY A 26 15.45 -9.92 6.11
N ASP A 27 15.54 -11.16 6.58
CA ASP A 27 16.54 -11.53 7.61
C ASP A 27 17.95 -11.21 7.06
N CYS A 28 18.87 -10.90 7.94
CA CYS A 28 20.33 -10.80 7.70
C CYS A 28 20.69 -9.46 7.03
N ASN A 29 19.73 -8.56 6.80
CA ASN A 29 20.03 -7.22 6.24
C ASN A 29 20.92 -6.46 7.23
N ASN A 30 20.46 -6.32 8.47
CA ASN A 30 21.24 -5.71 9.56
C ASN A 30 22.10 -6.79 10.19
N ARG A 31 23.43 -6.64 10.17
CA ARG A 31 24.35 -7.69 10.67
C ARG A 31 24.24 -7.84 12.18
N ARG A 32 24.18 -6.72 12.92
CA ARG A 32 24.16 -6.71 14.42
CA ARG A 32 24.17 -6.74 14.41
C ARG A 32 22.84 -7.33 14.90
N SER A 33 21.73 -7.03 14.21
CA SER A 33 20.38 -7.43 14.64
C SER A 33 19.61 -8.03 13.46
N PRO A 34 19.90 -9.30 13.11
CA PRO A 34 19.51 -9.84 11.80
C PRO A 34 18.00 -9.95 11.51
N ALA A 35 17.16 -9.95 12.52
CA ALA A 35 15.68 -10.00 12.36
C ALA A 35 15.12 -8.62 11.92
N LEU A 36 15.92 -7.56 12.00
CA LEU A 36 15.44 -6.15 11.80
C LEU A 36 14.94 -5.96 10.36
N GLY A 37 13.64 -5.69 10.20
CA GLY A 37 13.04 -5.45 8.88
C GLY A 37 12.55 -6.73 8.23
N ALA A 38 12.84 -7.89 8.83
CA ALA A 38 12.35 -9.18 8.33
C ALA A 38 10.81 -9.25 8.47
N ALA A 39 10.19 -9.98 7.55
CA ALA A 39 8.74 -10.24 7.53
C ALA A 39 8.32 -11.07 8.78
N ASN A 40 7.04 -11.01 9.13
CA ASN A 40 6.37 -11.93 10.09
C ASN A 40 6.91 -11.66 11.49
N ARG A 41 7.28 -10.41 11.73
CA ARG A 41 7.65 -9.90 13.08
CA ARG A 41 7.67 -9.88 13.06
C ARG A 41 6.76 -8.69 13.41
N ALA A 42 6.86 -8.20 14.65
CA ALA A 42 6.03 -7.11 15.18
C ALA A 42 6.36 -5.84 14.40
N LEU A 43 5.34 -5.12 13.98
CA LEU A 43 5.48 -3.70 13.57
C LEU A 43 6.25 -2.97 14.68
N ALA A 44 7.16 -2.06 14.34
CA ALA A 44 7.83 -1.23 15.35
C ALA A 44 6.80 -0.32 16.04
N ARG A 45 7.07 -0.02 17.30
CA ARG A 45 6.31 0.95 18.12
C ARG A 45 7.18 2.20 18.33
N TRP A 46 6.88 3.29 17.63
CA TRP A 46 7.59 4.57 17.85
C TRP A 46 7.14 5.21 19.16
N LEU A 47 5.90 4.96 19.55
CA LEU A 47 5.30 5.29 20.88
C LEU A 47 4.63 4.05 21.40
N PRO A 48 4.47 3.93 22.75
CA PRO A 48 3.79 2.80 23.36
C PRO A 48 2.33 2.69 22.90
N ALA A 49 1.86 1.45 22.75
CA ALA A 49 0.47 1.13 22.36
C ALA A 49 -0.47 1.79 23.38
N GLU A 50 -1.63 2.25 22.92
CA GLU A 50 -2.67 2.80 23.83
C GLU A 50 -3.94 1.98 23.66
N TYR A 51 -4.26 1.24 24.69
CA TYR A 51 -5.39 0.29 24.74
C TYR A 51 -6.23 0.63 25.96
N GLU A 52 -7.53 0.38 25.86
CA GLU A 52 -8.52 0.64 26.95
C GLU A 52 -8.04 0.01 28.28
N ASP A 53 -7.36 -1.13 28.23
CA ASP A 53 -6.97 -1.95 29.42
C ASP A 53 -5.43 -1.94 29.55
N GLY A 54 -4.77 -1.04 28.80
CA GLY A 54 -3.31 -0.87 28.73
C GLY A 54 -2.56 -1.99 28.00
N LEU A 55 -3.22 -3.09 27.62
CA LEU A 55 -2.57 -4.33 27.11
C LEU A 55 -3.05 -4.71 25.70
N ALA A 56 -4.36 -4.78 25.46
CA ALA A 56 -4.86 -5.43 24.24
C ALA A 56 -6.24 -4.94 23.81
N LEU A 57 -7.09 -4.40 24.69
CA LEU A 57 -8.47 -4.03 24.27
C LEU A 57 -8.49 -2.65 23.63
N PRO A 58 -9.08 -2.50 22.43
CA PRO A 58 -9.16 -1.20 21.77
C PRO A 58 -10.04 -0.22 22.54
N PHE A 59 -9.70 1.07 22.44
CA PHE A 59 -10.63 2.14 22.86
C PHE A 59 -11.90 1.92 22.02
N GLY A 60 -13.04 2.00 22.70
CA GLY A 60 -14.36 1.74 22.11
C GLY A 60 -14.90 0.35 22.42
N TRP A 61 -14.06 -0.54 22.94
CA TRP A 61 -14.47 -1.94 23.23
C TRP A 61 -15.56 -1.97 24.29
N THR A 62 -15.31 -1.29 25.42
CA THR A 62 -16.22 -1.23 26.59
C THR A 62 -16.93 0.13 26.55
N GLN A 63 -18.26 0.14 26.41
CA GLN A 63 -19.04 1.37 26.09
C GLN A 63 -18.78 2.45 27.18
N ARG A 64 -18.77 2.04 28.45
CA ARG A 64 -18.57 2.91 29.63
C ARG A 64 -17.09 3.25 29.87
N LYS A 65 -16.16 2.75 29.06
CA LYS A 65 -14.72 3.10 29.27
C LYS A 65 -14.39 4.29 28.36
N THR A 66 -14.24 5.46 28.95
CA THR A 66 -13.93 6.69 28.19
C THR A 66 -12.45 6.68 27.78
N ARG A 67 -12.12 7.49 26.79
CA ARG A 67 -10.75 7.95 26.48
C ARG A 67 -10.68 9.41 26.93
N ASN A 68 -9.89 9.71 27.97
CA ASN A 68 -9.73 11.10 28.46
C ASN A 68 -11.12 11.68 28.84
N GLY A 69 -12.02 10.88 29.36
CA GLY A 69 -13.28 11.38 29.94
C GLY A 69 -14.38 11.52 28.90
N PHE A 70 -14.13 11.08 27.67
CA PHE A 70 -15.12 11.15 26.57
C PHE A 70 -15.22 9.79 25.89
N ARG A 71 -16.43 9.33 25.59
CA ARG A 71 -16.67 8.09 24.80
C ARG A 71 -16.07 8.27 23.41
N VAL A 72 -15.38 7.29 22.86
CA VAL A 72 -14.90 7.41 21.44
C VAL A 72 -16.10 7.25 20.51
N PRO A 73 -16.21 8.05 19.43
CA PRO A 73 -17.35 7.97 18.52
C PRO A 73 -17.28 6.71 17.65
N LEU A 74 -18.44 6.22 17.21
CA LEU A 74 -18.53 5.07 16.27
C LEU A 74 -17.75 5.41 14.99
N ALA A 75 -16.89 4.50 14.52
CA ALA A 75 -16.08 4.64 13.28
C ALA A 75 -17.00 5.05 12.11
N ARG A 76 -18.12 4.36 11.95
CA ARG A 76 -19.07 4.63 10.86
C ARG A 76 -19.70 6.01 11.00
N GLU A 77 -19.93 6.49 12.23
CA GLU A 77 -20.54 7.82 12.40
C GLU A 77 -19.54 8.89 11.98
N VAL A 78 -18.26 8.71 12.30
CA VAL A 78 -17.17 9.64 11.86
C VAL A 78 -17.13 9.59 10.32
N SER A 79 -17.16 8.40 9.74
CA SER A 79 -17.20 8.20 8.25
C SER A 79 -18.34 9.01 7.64
N ASN A 80 -19.57 8.78 8.11
CA ASN A 80 -20.78 9.41 7.55
C ASN A 80 -20.68 10.92 7.68
N LYS A 81 -20.26 11.43 8.83
CA LYS A 81 -20.42 12.87 9.13
C LYS A 81 -19.26 13.68 8.57
N ILE A 82 -18.06 13.11 8.45
CA ILE A 82 -16.84 13.87 8.10
C ILE A 82 -16.27 13.44 6.74
N VAL A 83 -16.26 12.14 6.44
CA VAL A 83 -15.42 11.52 5.39
C VAL A 83 -16.23 11.44 4.09
N GLY A 84 -17.55 11.47 4.14
CA GLY A 84 -18.40 11.21 2.97
C GLY A 84 -18.70 12.47 2.19
N TYR A 85 -19.03 12.29 0.92
CA TYR A 85 -19.55 13.37 0.03
C TYR A 85 -20.32 12.71 -1.14
N LEU A 86 -21.12 13.49 -1.86
CA LEU A 86 -22.05 12.96 -2.89
C LEU A 86 -21.54 13.26 -4.31
N ASP A 87 -21.03 14.45 -4.51
CA ASP A 87 -20.74 15.09 -5.83
C ASP A 87 -19.28 14.86 -6.19
N GLU A 88 -19.01 14.09 -7.25
CA GLU A 88 -17.63 13.81 -7.74
C GLU A 88 -17.14 14.95 -8.65
N GLU A 89 -18.01 15.86 -9.06
CA GLU A 89 -17.58 16.96 -9.96
CA GLU A 89 -17.60 16.99 -9.94
C GLU A 89 -16.57 17.86 -9.21
N GLY A 90 -15.44 18.16 -9.85
CA GLY A 90 -14.43 19.08 -9.32
C GLY A 90 -13.47 18.44 -8.34
N VAL A 91 -13.57 17.13 -8.08
CA VAL A 91 -12.78 16.46 -7.02
C VAL A 91 -11.40 16.00 -7.54
N LEU A 92 -11.16 16.02 -8.85
CA LEU A 92 -9.92 15.42 -9.42
C LEU A 92 -8.70 16.33 -9.18
N ASP A 93 -7.54 15.70 -9.05
CA ASP A 93 -6.23 16.40 -8.89
C ASP A 93 -5.78 16.88 -10.26
N GLN A 94 -5.75 18.19 -10.46
CA GLN A 94 -5.37 18.79 -11.76
C GLN A 94 -3.86 18.61 -12.04
N ASN A 95 -3.02 18.16 -11.09
CA ASN A 95 -1.58 17.94 -11.43
C ASN A 95 -1.05 16.61 -10.90
N ARG A 96 -1.90 15.58 -10.76
CA ARG A 96 -1.43 14.21 -10.50
C ARG A 96 -2.21 13.26 -11.42
N SER A 97 -1.51 12.45 -12.20
CA SER A 97 -2.17 11.37 -12.97
C SER A 97 -2.68 10.31 -11.98
N LEU A 98 -3.49 9.38 -12.46
CA LEU A 98 -3.99 8.22 -11.67
CA LEU A 98 -3.99 8.25 -11.65
C LEU A 98 -2.81 7.35 -11.25
N LEU A 99 -1.72 7.36 -12.03
CA LEU A 99 -0.54 6.54 -11.68
C LEU A 99 0.00 6.97 -10.32
N PHE A 100 -0.15 8.25 -9.91
CA PHE A 100 0.30 8.77 -8.60
C PHE A 100 -0.36 8.02 -7.44
N MET A 101 -1.67 7.90 -7.46
CA MET A 101 -2.44 7.04 -6.52
C MET A 101 -1.90 5.61 -6.59
N GLN A 102 -1.77 5.06 -7.80
CA GLN A 102 -1.53 3.61 -7.97
C GLN A 102 -0.13 3.26 -7.46
N TRP A 103 0.87 4.11 -7.74
CA TRP A 103 2.25 3.88 -7.22
C TRP A 103 2.24 3.88 -5.68
N GLY A 104 1.44 4.72 -5.04
CA GLY A 104 1.35 4.72 -3.57
C GLY A 104 0.92 3.37 -3.04
N GLN A 105 -0.11 2.79 -3.63
CA GLN A 105 -0.63 1.50 -3.14
C GLN A 105 0.41 0.40 -3.32
N ILE A 106 1.08 0.40 -4.47
CA ILE A 106 2.23 -0.47 -4.82
C ILE A 106 3.32 -0.37 -3.75
N VAL A 107 3.80 0.83 -3.48
CA VAL A 107 4.87 0.99 -2.44
C VAL A 107 4.33 0.49 -1.11
N ASP A 108 3.10 0.88 -0.77
CA ASP A 108 2.49 0.46 0.52
C ASP A 108 2.56 -1.06 0.61
N HIS A 109 2.17 -1.74 -0.45
CA HIS A 109 2.12 -3.22 -0.42
C HIS A 109 3.53 -3.82 -0.36
N ASP A 110 4.56 -3.12 -0.83
CA ASP A 110 5.97 -3.59 -0.68
C ASP A 110 6.35 -3.56 0.81
N LEU A 111 5.79 -2.63 1.58
CA LEU A 111 6.35 -2.25 2.90
C LEU A 111 5.58 -2.88 4.04
N ASP A 112 4.25 -3.03 3.95
CA ASP A 112 3.48 -3.42 5.16
C ASP A 112 2.18 -4.13 4.82
N PHE A 113 1.88 -5.12 5.66
CA PHE A 113 0.64 -5.91 5.69
C PHE A 113 0.47 -6.52 7.07
N ALA A 114 -0.57 -6.09 7.76
CA ALA A 114 -0.98 -6.56 9.11
C ALA A 114 -2.26 -7.34 8.93
N PRO A 115 -2.19 -8.63 8.54
CA PRO A 115 -3.41 -9.38 8.22
C PRO A 115 -4.24 -9.74 9.46
N GLU A 116 -5.54 -9.89 9.23
CA GLU A 116 -6.53 -10.30 10.25
C GLU A 116 -6.04 -11.62 10.86
N THR A 117 -6.29 -11.85 12.15
CA THR A 117 -5.89 -13.09 12.88
C THR A 117 -6.39 -14.31 12.10
N GLU A 118 -5.66 -15.42 12.19
CA GLU A 118 -5.92 -16.68 11.46
C GLU A 118 -7.29 -17.21 11.86
N LEU A 119 -7.39 -17.92 13.00
CA LEU A 119 -8.62 -18.59 13.51
C LEU A 119 -9.15 -19.63 12.49
N GLY A 120 -8.77 -19.51 11.21
CA GLY A 120 -9.10 -20.46 10.12
C GLY A 120 -10.57 -20.42 9.75
N SER A 121 -11.01 -21.37 8.92
CA SER A 121 -12.44 -21.68 8.62
C SER A 121 -12.84 -22.93 9.42
N ASN A 122 -13.99 -23.54 9.11
CA ASN A 122 -14.53 -24.73 9.81
C ASN A 122 -14.91 -24.31 11.25
N GLU A 123 -15.15 -23.01 11.48
CA GLU A 123 -15.33 -22.41 12.83
C GLU A 123 -16.52 -21.45 12.84
N HIS A 124 -17.52 -21.78 13.68
CA HIS A 124 -18.49 -20.84 14.28
C HIS A 124 -17.71 -19.68 14.92
N SER A 125 -17.49 -18.60 14.19
CA SER A 125 -16.66 -17.45 14.63
C SER A 125 -16.88 -16.24 13.70
N LYS A 126 -16.09 -16.13 12.63
CA LYS A 126 -16.21 -15.00 11.64
C LYS A 126 -17.57 -15.13 10.93
N THR A 127 -18.09 -16.35 10.83
CA THR A 127 -19.48 -16.66 10.41
C THR A 127 -20.43 -15.96 11.39
N GLN A 128 -20.33 -16.30 12.68
CA GLN A 128 -21.15 -15.69 13.78
C GLN A 128 -20.95 -14.16 13.78
N CYS A 129 -19.68 -13.68 13.72
CA CYS A 129 -19.33 -12.23 13.68
C CYS A 129 -20.16 -11.55 12.57
N GLU A 130 -20.18 -12.17 11.38
CA GLU A 130 -20.92 -11.62 10.21
C GLU A 130 -22.42 -11.70 10.52
N GLU A 131 -22.89 -12.83 11.04
CA GLU A 131 -24.34 -13.12 11.21
C GLU A 131 -24.96 -12.28 12.33
N TYR A 132 -24.36 -12.28 13.52
CA TYR A 132 -25.03 -11.79 14.76
C TYR A 132 -24.36 -10.52 15.32
N CYS A 133 -23.23 -10.06 14.77
CA CYS A 133 -22.65 -8.74 15.12
C CYS A 133 -22.34 -8.71 16.63
N ILE A 134 -21.89 -9.82 17.21
CA ILE A 134 -21.61 -9.89 18.68
C ILE A 134 -20.11 -9.70 18.87
N GLN A 135 -19.73 -8.64 19.58
CA GLN A 135 -18.32 -8.33 19.89
C GLN A 135 -17.76 -9.41 20.82
N GLY A 136 -16.57 -9.89 20.53
CA GLY A 136 -15.94 -10.93 21.36
C GLY A 136 -14.70 -11.45 20.70
N ASP A 137 -13.65 -11.60 21.51
CA ASP A 137 -12.36 -12.13 21.06
C ASP A 137 -11.95 -11.27 19.86
N ASN A 138 -11.86 -11.88 18.67
CA ASN A 138 -11.26 -11.19 17.50
C ASN A 138 -12.36 -10.51 16.68
N CYS A 139 -13.61 -10.71 17.06
CA CYS A 139 -14.79 -10.04 16.46
C CYS A 139 -14.97 -8.66 17.11
N PHE A 140 -14.65 -7.61 16.37
CA PHE A 140 -14.75 -6.22 16.84
C PHE A 140 -15.62 -5.49 15.83
N PRO A 141 -16.94 -5.81 15.75
CA PRO A 141 -17.75 -5.34 14.64
C PRO A 141 -17.90 -3.80 14.60
N ILE A 142 -18.02 -3.27 13.40
CA ILE A 142 -18.29 -1.81 13.17
C ILE A 142 -19.81 -1.65 13.23
N MET A 143 -20.32 -1.13 14.34
CA MET A 143 -21.76 -0.99 14.59
C MET A 143 -22.26 0.25 13.86
N PHE A 144 -23.46 0.17 13.28
CA PHE A 144 -24.06 1.34 12.60
C PHE A 144 -24.70 2.25 13.64
N PRO A 145 -24.49 3.57 13.50
CA PRO A 145 -25.25 4.55 14.27
C PRO A 145 -26.73 4.52 13.85
N LYS A 146 -27.58 5.01 14.73
CA LYS A 146 -29.06 4.94 14.56
C LYS A 146 -29.49 5.54 13.22
N ASN A 147 -28.87 6.62 12.73
CA ASN A 147 -29.35 7.33 11.53
C ASN A 147 -28.66 6.80 10.26
N ASP A 148 -27.93 5.70 10.34
CA ASP A 148 -27.11 5.24 9.19
C ASP A 148 -28.04 4.53 8.21
N PRO A 149 -28.07 4.90 6.91
CA PRO A 149 -28.89 4.15 5.94
C PRO A 149 -28.59 2.64 5.92
N LYS A 150 -27.34 2.26 6.16
CA LYS A 150 -26.94 0.83 6.14
C LYS A 150 -27.63 0.04 7.27
N LEU A 151 -28.01 0.69 8.37
CA LEU A 151 -28.79 0.05 9.48
C LEU A 151 -30.13 -0.45 8.92
N LYS A 152 -30.68 0.25 7.93
CA LYS A 152 -32.00 -0.05 7.31
C LYS A 152 -31.86 -1.19 6.29
N THR A 153 -30.69 -1.28 5.66
CA THR A 153 -30.45 -2.04 4.42
C THR A 153 -29.52 -3.25 4.70
N GLN A 154 -28.65 -3.18 5.72
CA GLN A 154 -27.48 -4.10 5.85
C GLN A 154 -27.37 -4.76 7.23
N GLY A 155 -28.33 -4.58 8.12
CA GLY A 155 -28.24 -5.24 9.45
C GLY A 155 -27.57 -4.29 10.39
N LYS A 156 -27.01 -4.79 11.49
CA LYS A 156 -26.66 -3.95 12.66
C LYS A 156 -25.19 -3.54 12.59
N CYS A 157 -24.42 -4.14 11.71
CA CYS A 157 -22.95 -3.92 11.69
C CYS A 157 -22.29 -4.30 10.36
N MET A 158 -21.07 -3.81 10.20
CA MET A 158 -20.04 -4.32 9.25
CA MET A 158 -20.11 -4.38 9.23
C MET A 158 -19.13 -5.25 10.01
N PRO A 159 -18.98 -6.52 9.60
CA PRO A 159 -18.06 -7.40 10.29
C PRO A 159 -16.63 -6.84 10.16
N PHE A 160 -15.85 -7.05 11.22
CA PHE A 160 -14.46 -6.58 11.37
C PHE A 160 -13.75 -7.52 12.34
N SER A 161 -12.62 -8.04 11.90
CA SER A 161 -11.81 -9.04 12.61
C SER A 161 -10.48 -8.38 13.00
N ARG A 162 -10.07 -8.53 14.26
CA ARG A 162 -8.85 -7.88 14.78
C ARG A 162 -7.61 -8.43 14.08
N ALA A 163 -6.61 -7.58 13.89
CA ALA A 163 -5.33 -7.91 13.25
C ALA A 163 -4.60 -8.98 14.07
N GLY A 164 -3.86 -9.83 13.38
CA GLY A 164 -2.95 -10.82 14.00
C GLY A 164 -1.91 -10.13 14.88
N PHE A 165 -1.39 -10.84 15.88
CA PHE A 165 -0.37 -10.28 16.81
C PHE A 165 0.67 -11.35 17.13
N VAL A 166 1.88 -10.91 17.47
CA VAL A 166 3.08 -11.81 17.52
C VAL A 166 3.19 -12.47 18.89
N CYS A 167 3.76 -13.69 18.88
CA CYS A 167 4.12 -14.65 19.96
C CYS A 167 3.07 -15.78 19.98
N PRO A 168 2.03 -15.78 20.84
CA PRO A 168 0.74 -16.32 20.42
C PRO A 168 0.03 -15.38 19.45
N THR A 169 -0.80 -15.91 18.56
CA THR A 169 -1.95 -15.18 17.96
C THR A 169 -3.27 -15.74 18.52
N PRO A 170 -3.27 -16.80 19.36
CA PRO A 170 -4.40 -17.00 20.30
C PRO A 170 -4.21 -16.43 21.72
N PRO A 171 -3.57 -17.12 22.71
CA PRO A 171 -3.75 -16.75 24.12
C PRO A 171 -3.42 -15.29 24.49
N TYR A 172 -2.13 -14.91 24.57
CA TYR A 172 -1.63 -13.53 24.81
C TYR A 172 -0.58 -13.53 25.95
N GLN A 173 0.18 -12.44 26.11
CA GLN A 173 1.29 -12.28 27.12
C GLN A 173 1.11 -10.97 27.93
N SER A 174 2.15 -10.53 28.67
CA SER A 174 2.09 -9.49 29.76
C SER A 174 2.67 -8.14 29.31
N LEU A 175 3.24 -8.05 28.11
CA LEU A 175 3.51 -6.78 27.37
C LEU A 175 2.23 -6.49 26.55
N ALA A 176 2.19 -5.35 25.88
CA ALA A 176 1.03 -4.92 25.04
C ALA A 176 0.95 -5.75 23.75
N ARG A 177 -0.23 -5.80 23.15
CA ARG A 177 -0.46 -6.54 21.90
C ARG A 177 0.27 -5.84 20.77
N GLU A 178 1.08 -6.61 20.02
CA GLU A 178 1.89 -6.07 18.91
C GLU A 178 1.48 -6.74 17.59
N GLN A 179 0.94 -5.96 16.66
CA GLN A 179 0.46 -6.49 15.36
C GLN A 179 1.67 -6.83 14.51
N ILE A 180 1.47 -7.76 13.58
CA ILE A 180 2.52 -8.37 12.73
C ILE A 180 2.63 -7.54 11.45
N ASN A 181 3.87 -7.38 10.95
CA ASN A 181 4.12 -6.99 9.55
C ASN A 181 4.52 -8.25 8.77
N ALA A 182 3.64 -8.72 7.90
CA ALA A 182 3.80 -9.98 7.15
C ALA A 182 4.65 -9.80 5.91
N VAL A 183 5.06 -8.58 5.54
CA VAL A 183 5.98 -8.37 4.39
C VAL A 183 7.27 -7.71 4.85
N THR A 184 8.28 -7.68 3.99
CA THR A 184 9.62 -7.15 4.36
C THR A 184 9.54 -5.62 4.45
N SER A 185 10.16 -5.03 5.47
CA SER A 185 10.16 -3.57 5.72
C SER A 185 10.96 -2.86 4.64
N PHE A 186 11.91 -3.56 4.02
CA PHE A 186 12.78 -3.00 2.97
C PHE A 186 11.92 -2.76 1.73
N LEU A 187 12.23 -1.67 1.02
CA LEU A 187 11.63 -1.39 -0.31
C LEU A 187 12.43 -2.24 -1.31
N ASP A 188 11.97 -3.48 -1.55
CA ASP A 188 12.84 -4.57 -2.06
C ASP A 188 12.10 -5.42 -3.10
N ALA A 189 10.92 -4.94 -3.56
CA ALA A 189 10.11 -5.67 -4.55
C ALA A 189 9.57 -7.00 -3.95
N SER A 190 9.40 -7.06 -2.63
CA SER A 190 8.72 -8.20 -1.97
C SER A 190 7.30 -8.39 -2.53
N LEU A 191 6.71 -7.34 -3.12
CA LEU A 191 5.31 -7.44 -3.65
C LEU A 191 5.32 -8.26 -4.94
N VAL A 192 6.49 -8.37 -5.59
CA VAL A 192 6.68 -9.15 -6.85
C VAL A 192 7.13 -10.58 -6.49
N TYR A 193 8.06 -10.73 -5.56
CA TYR A 193 8.84 -11.97 -5.31
C TYR A 193 8.33 -12.72 -4.08
N GLY A 194 7.53 -12.09 -3.20
CA GLY A 194 7.11 -12.74 -1.94
C GLY A 194 8.04 -12.39 -0.80
N SER A 195 7.55 -12.50 0.43
CA SER A 195 8.32 -12.26 1.68
C SER A 195 8.53 -13.60 2.44
N GLU A 196 8.08 -14.71 1.87
CA GLU A 196 8.18 -16.07 2.47
C GLU A 196 8.79 -17.02 1.45
N PRO A 197 9.73 -17.90 1.87
CA PRO A 197 10.41 -18.83 0.96
C PRO A 197 9.49 -19.65 0.05
N SER A 198 8.37 -20.14 0.61
CA SER A 198 7.43 -21.03 -0.09
C SER A 198 6.76 -20.25 -1.23
N LEU A 199 6.19 -19.08 -0.94
CA LEU A 199 5.53 -18.28 -1.99
C LEU A 199 6.59 -17.91 -3.04
N ALA A 200 7.81 -17.53 -2.64
CA ALA A 200 8.85 -17.00 -3.55
C ALA A 200 9.22 -18.11 -4.55
N SER A 201 9.27 -19.36 -4.07
CA SER A 201 9.55 -20.54 -4.92
C SER A 201 8.37 -20.81 -5.85
N ARG A 202 7.15 -20.75 -5.33
CA ARG A 202 5.91 -21.01 -6.10
C ARG A 202 5.77 -19.99 -7.25
N LEU A 203 6.29 -18.76 -7.06
CA LEU A 203 6.20 -17.65 -8.05
CA LEU A 203 6.15 -17.68 -8.08
C LEU A 203 7.20 -17.88 -9.19
N ARG A 204 8.24 -18.68 -8.94
CA ARG A 204 9.34 -18.84 -9.93
C ARG A 204 9.04 -19.97 -10.91
N ASN A 205 9.60 -19.85 -12.10
CA ASN A 205 9.72 -20.90 -13.13
C ASN A 205 11.03 -21.66 -12.91
N LEU A 206 10.96 -22.76 -12.17
CA LEU A 206 12.14 -23.60 -11.84
C LEU A 206 12.30 -24.76 -12.83
N SER A 207 11.48 -24.83 -13.88
CA SER A 207 11.55 -25.84 -14.97
C SER A 207 12.82 -25.60 -15.81
N SER A 208 13.00 -24.38 -16.30
CA SER A 208 14.16 -23.90 -17.09
C SER A 208 15.11 -23.17 -16.13
N PRO A 209 16.45 -23.34 -16.21
CA PRO A 209 17.38 -22.40 -15.59
C PRO A 209 17.47 -21.04 -16.32
N LEU A 210 16.36 -20.33 -16.44
CA LEU A 210 16.30 -19.03 -17.17
C LEU A 210 16.08 -17.88 -16.17
N GLY A 211 15.78 -18.16 -14.91
CA GLY A 211 15.60 -17.14 -13.86
C GLY A 211 14.26 -16.42 -14.03
N LEU A 212 13.30 -17.04 -14.72
CA LEU A 212 12.00 -16.40 -15.04
C LEU A 212 11.06 -16.55 -13.84
N MET A 213 10.06 -15.68 -13.76
CA MET A 213 8.87 -15.82 -12.88
C MET A 213 7.84 -16.63 -13.67
N ALA A 214 7.07 -17.46 -12.95
CA ALA A 214 5.93 -18.20 -13.51
C ALA A 214 4.97 -17.19 -14.13
N VAL A 215 4.36 -17.54 -15.28
CA VAL A 215 3.36 -16.70 -15.99
C VAL A 215 2.13 -17.56 -16.27
N ASN A 216 1.02 -16.89 -16.50
CA ASN A 216 -0.29 -17.50 -16.81
C ASN A 216 -0.11 -18.42 -18.03
N GLN A 217 -0.58 -19.66 -17.92
CA GLN A 217 -0.63 -20.65 -19.02
C GLN A 217 -2.00 -20.66 -19.71
N GLU A 218 -3.00 -19.95 -19.22
CA GLU A 218 -4.37 -19.99 -19.79
C GLU A 218 -4.66 -18.83 -20.75
N ALA A 219 -4.03 -17.67 -20.57
CA ALA A 219 -4.35 -16.46 -21.33
C ALA A 219 -3.08 -15.62 -21.48
N TRP A 220 -2.93 -15.00 -22.64
CA TRP A 220 -1.82 -14.08 -22.96
C TRP A 220 -2.43 -12.77 -23.44
N ASP A 221 -1.68 -11.69 -23.29
CA ASP A 221 -2.06 -10.30 -23.64
C ASP A 221 -1.27 -9.92 -24.89
N HIS A 222 -1.75 -10.29 -26.07
CA HIS A 222 -1.03 -9.99 -27.33
C HIS A 222 0.44 -10.42 -27.17
N GLY A 223 0.65 -11.63 -26.64
CA GLY A 223 1.96 -12.27 -26.58
C GLY A 223 2.70 -11.93 -25.30
N LEU A 224 2.13 -11.08 -24.46
CA LEU A 224 2.79 -10.64 -23.20
C LEU A 224 2.09 -11.30 -22.01
N ALA A 225 2.82 -11.49 -20.94
CA ALA A 225 2.45 -12.41 -19.85
C ALA A 225 1.38 -11.77 -19.00
N TYR A 226 0.49 -12.61 -18.47
CA TYR A 226 -0.32 -12.35 -17.26
C TYR A 226 0.32 -13.06 -16.08
N LEU A 227 0.06 -12.56 -14.87
CA LEU A 227 0.47 -13.29 -13.66
C LEU A 227 -0.25 -14.63 -13.70
N PRO A 228 0.32 -15.67 -13.03
CA PRO A 228 -0.41 -16.91 -12.84
C PRO A 228 -1.72 -16.64 -12.07
N PHE A 229 -2.66 -17.56 -12.22
CA PHE A 229 -3.89 -17.54 -11.41
C PHE A 229 -3.57 -18.19 -10.08
N ASN A 230 -4.21 -17.68 -9.05
CA ASN A 230 -4.31 -18.34 -7.73
C ASN A 230 -5.47 -19.33 -7.80
N ASN A 231 -5.20 -20.62 -7.71
CA ASN A 231 -6.24 -21.64 -7.95
C ASN A 231 -6.81 -22.10 -6.58
N LYS A 232 -6.55 -21.36 -5.49
CA LYS A 232 -7.21 -21.48 -4.16
C LYS A 232 -8.72 -21.17 -4.24
N LYS A 233 -9.56 -21.95 -3.55
CA LYS A 233 -11.02 -21.71 -3.49
C LYS A 233 -11.45 -21.53 -2.04
N PRO A 234 -12.46 -20.70 -1.75
CA PRO A 234 -13.13 -19.88 -2.76
C PRO A 234 -12.23 -18.72 -3.23
N SER A 235 -12.55 -18.17 -4.40
CA SER A 235 -11.80 -17.06 -5.05
C SER A 235 -12.72 -15.85 -5.10
N PRO A 236 -12.36 -14.69 -4.50
CA PRO A 236 -13.23 -13.53 -4.56
C PRO A 236 -13.38 -13.00 -5.99
N CYS A 237 -12.37 -13.24 -6.83
CA CYS A 237 -12.40 -12.77 -8.25
C CYS A 237 -13.37 -13.64 -9.04
N GLU A 238 -13.55 -14.92 -8.69
CA GLU A 238 -14.61 -15.75 -9.29
C GLU A 238 -15.94 -15.28 -8.73
N PHE A 239 -16.00 -15.05 -7.41
CA PHE A 239 -17.25 -14.68 -6.70
C PHE A 239 -17.91 -13.46 -7.36
N ILE A 240 -17.12 -12.46 -7.78
CA ILE A 240 -17.74 -11.20 -8.26
C ILE A 240 -18.29 -11.39 -9.67
N ASN A 241 -17.98 -12.51 -10.35
CA ASN A 241 -18.60 -12.84 -11.67
C ASN A 241 -18.49 -14.36 -11.90
N THR A 242 -19.54 -15.12 -11.56
CA THR A 242 -19.56 -16.61 -11.65
C THR A 242 -19.86 -17.10 -13.07
N THR A 243 -20.21 -16.20 -14.00
CA THR A 243 -20.31 -16.49 -15.44
C THR A 243 -18.89 -16.51 -16.02
N ALA A 244 -18.13 -15.44 -15.85
CA ALA A 244 -16.75 -15.33 -16.37
C ALA A 244 -15.82 -16.33 -15.69
N ARG A 245 -15.96 -16.50 -14.39
CA ARG A 245 -15.16 -17.48 -13.60
CA ARG A 245 -15.15 -17.45 -13.56
C ARG A 245 -13.66 -17.24 -13.85
N VAL A 246 -13.19 -16.00 -13.74
CA VAL A 246 -11.73 -15.70 -13.87
C VAL A 246 -11.15 -15.53 -12.47
N PRO A 247 -10.18 -16.38 -12.06
CA PRO A 247 -9.60 -16.28 -10.72
C PRO A 247 -8.72 -15.05 -10.57
N CYS A 248 -8.39 -14.78 -9.31
CA CYS A 248 -7.40 -13.77 -8.91
C CYS A 248 -6.02 -14.18 -9.43
N PHE A 249 -5.14 -13.18 -9.56
CA PHE A 249 -3.72 -13.39 -9.89
C PHE A 249 -2.96 -13.84 -8.64
N LEU A 250 -1.90 -14.61 -8.82
CA LEU A 250 -0.94 -14.96 -7.76
C LEU A 250 0.29 -14.05 -7.93
N ALA A 251 0.64 -13.30 -6.88
CA ALA A 251 1.79 -12.37 -6.87
C ALA A 251 2.56 -12.52 -5.56
N GLY A 252 3.66 -11.77 -5.42
CA GLY A 252 4.47 -11.73 -4.20
C GLY A 252 3.67 -11.22 -3.02
N ASP A 253 2.65 -10.44 -3.29
CA ASP A 253 1.80 -9.86 -2.23
C ASP A 253 0.38 -10.40 -2.40
N SER A 254 -0.26 -10.76 -1.29
CA SER A 254 -1.57 -11.46 -1.23
C SER A 254 -2.69 -10.59 -1.85
N ARG A 255 -2.50 -9.27 -1.89
CA ARG A 255 -3.58 -8.29 -2.16
C ARG A 255 -3.62 -7.85 -3.63
N ALA A 256 -2.85 -8.51 -4.51
CA ALA A 256 -2.54 -8.06 -5.89
C ALA A 256 -3.82 -7.80 -6.71
N SER A 257 -4.90 -8.54 -6.49
CA SER A 257 -6.13 -8.40 -7.33
C SER A 257 -7.20 -7.55 -6.66
N GLU A 258 -6.89 -6.88 -5.55
CA GLU A 258 -7.90 -6.09 -4.79
C GLU A 258 -8.63 -5.11 -5.71
N GLN A 259 -7.92 -4.51 -6.68
CA GLN A 259 -8.61 -3.66 -7.69
C GLN A 259 -7.80 -3.73 -8.97
N ILE A 260 -8.50 -3.56 -10.10
CA ILE A 260 -7.97 -3.90 -11.45
C ILE A 260 -6.65 -3.15 -11.73
N LEU A 261 -6.49 -1.92 -11.25
CA LEU A 261 -5.26 -1.14 -11.56
C LEU A 261 -4.06 -1.59 -10.72
N LEU A 262 -4.28 -2.14 -9.52
CA LEU A 262 -3.18 -2.75 -8.71
C LEU A 262 -2.69 -3.95 -9.50
N ALA A 263 -3.62 -4.80 -9.95
CA ALA A 263 -3.32 -6.03 -10.73
C ALA A 263 -2.56 -5.61 -11.98
N THR A 264 -3.02 -4.54 -12.64
CA THR A 264 -2.30 -3.95 -13.81
C THR A 264 -0.85 -3.62 -13.46
N ALA A 265 -0.58 -2.89 -12.37
CA ALA A 265 0.79 -2.44 -12.05
C ALA A 265 1.65 -3.67 -11.73
N HIS A 266 1.09 -4.66 -11.02
CA HIS A 266 1.73 -5.98 -10.73
C HIS A 266 2.14 -6.65 -12.06
N THR A 267 1.30 -6.58 -13.07
CA THR A 267 1.55 -7.23 -14.38
C THR A 267 2.78 -6.59 -15.02
N LEU A 268 2.90 -5.27 -14.99
CA LEU A 268 4.05 -4.49 -15.52
CA LEU A 268 4.06 -4.56 -15.58
C LEU A 268 5.34 -4.99 -14.85
N LEU A 269 5.30 -5.09 -13.52
CA LEU A 269 6.49 -5.44 -12.73
C LEU A 269 6.92 -6.86 -13.06
N LEU A 270 5.98 -7.80 -13.16
CA LEU A 270 6.31 -9.22 -13.46
C LEU A 270 6.97 -9.31 -14.85
N ARG A 271 6.38 -8.63 -15.81
CA ARG A 271 6.89 -8.59 -17.20
C ARG A 271 8.31 -8.06 -17.18
N GLU A 272 8.56 -6.99 -16.41
CA GLU A 272 9.88 -6.34 -16.31
C GLU A 272 10.89 -7.34 -15.75
N HIS A 273 10.57 -8.12 -14.71
CA HIS A 273 11.47 -9.20 -14.25
C HIS A 273 11.85 -10.09 -15.44
N ASN A 274 10.89 -10.66 -16.17
CA ASN A 274 11.18 -11.65 -17.24
C ASN A 274 12.00 -10.99 -18.36
N ARG A 275 11.69 -9.74 -18.69
CA ARG A 275 12.43 -8.99 -19.76
C ARG A 275 13.89 -8.88 -19.33
N LEU A 276 14.13 -8.52 -18.08
CA LEU A 276 15.50 -8.37 -17.50
C LEU A 276 16.22 -9.73 -17.51
N ALA A 277 15.56 -10.81 -17.06
CA ALA A 277 16.17 -12.16 -16.99
C ALA A 277 16.61 -12.59 -18.40
N ARG A 278 15.73 -12.41 -19.39
CA ARG A 278 16.03 -12.73 -20.82
C ARG A 278 17.26 -11.93 -21.30
N GLU A 279 17.34 -10.64 -20.95
CA GLU A 279 18.42 -9.76 -21.45
C GLU A 279 19.74 -10.13 -20.77
N LEU A 280 19.71 -10.40 -19.47
CA LEU A 280 20.91 -10.82 -18.72
C LEU A 280 21.42 -12.16 -19.24
N LYS A 281 20.52 -13.02 -19.72
CA LYS A 281 20.91 -14.34 -20.27
C LYS A 281 21.68 -14.14 -21.59
N LYS A 282 21.20 -13.25 -22.46
CA LYS A 282 21.90 -12.85 -23.73
C LYS A 282 23.28 -12.29 -23.40
N LEU A 283 23.36 -11.38 -22.45
CA LEU A 283 24.62 -10.72 -22.02
C LEU A 283 25.56 -11.76 -21.41
N ASN A 284 25.03 -12.67 -20.58
CA ASN A 284 25.81 -13.50 -19.63
C ASN A 284 25.36 -14.95 -19.76
N PRO A 285 25.72 -15.63 -20.87
CA PRO A 285 25.20 -16.97 -21.16
C PRO A 285 25.55 -18.06 -20.15
N HIS A 286 26.61 -17.88 -19.35
CA HIS A 286 27.08 -18.88 -18.36
C HIS A 286 26.43 -18.64 -16.98
N TRP A 287 25.68 -17.55 -16.79
CA TRP A 287 24.91 -17.32 -15.54
C TRP A 287 23.81 -18.38 -15.44
N ASN A 288 23.68 -19.03 -14.27
CA ASN A 288 22.69 -20.11 -14.03
C ASN A 288 21.33 -19.47 -13.73
N GLY A 289 20.28 -20.27 -13.49
CA GLY A 289 18.91 -19.74 -13.33
C GLY A 289 18.79 -18.93 -12.04
N GLU A 290 19.48 -19.36 -10.98
CA GLU A 290 19.46 -18.71 -9.65
C GLU A 290 20.11 -17.32 -9.78
N LYS A 291 21.26 -17.24 -10.45
CA LYS A 291 22.00 -15.98 -10.71
C LYS A 291 21.13 -15.04 -11.53
N LEU A 292 20.46 -15.53 -12.58
CA LEU A 292 19.63 -14.66 -13.47
C LEU A 292 18.47 -14.07 -12.66
N TYR A 293 17.84 -14.91 -11.85
CA TYR A 293 16.65 -14.53 -11.04
C TYR A 293 17.06 -13.46 -10.03
N GLN A 294 18.17 -13.67 -9.30
CA GLN A 294 18.66 -12.75 -8.26
C GLN A 294 19.08 -11.41 -8.91
N GLU A 295 19.77 -11.43 -10.06
CA GLU A 295 20.26 -10.18 -10.73
C GLU A 295 19.07 -9.37 -11.25
N ALA A 296 18.08 -10.02 -11.87
CA ALA A 296 16.82 -9.36 -12.32
C ALA A 296 16.07 -8.81 -11.11
N ARG A 297 15.96 -9.61 -10.04
CA ARG A 297 15.27 -9.22 -8.78
C ARG A 297 15.94 -7.96 -8.20
N LYS A 298 17.26 -7.90 -8.23
CA LYS A 298 18.06 -6.82 -7.65
C LYS A 298 17.84 -5.54 -8.49
N ILE A 299 17.74 -5.69 -9.81
CA ILE A 299 17.52 -4.51 -10.70
C ILE A 299 16.10 -3.99 -10.48
N LEU A 300 15.13 -4.88 -10.36
CA LEU A 300 13.71 -4.47 -10.23
C LEU A 300 13.51 -3.77 -8.88
N GLY A 301 14.17 -4.26 -7.83
CA GLY A 301 14.22 -3.61 -6.51
C GLY A 301 14.80 -2.21 -6.61
N ALA A 302 15.89 -2.01 -7.36
CA ALA A 302 16.51 -0.68 -7.55
C ALA A 302 15.55 0.22 -8.33
N PHE A 303 14.87 -0.33 -9.34
CA PHE A 303 13.84 0.42 -10.11
C PHE A 303 12.78 0.96 -9.14
N ILE A 304 12.23 0.10 -8.28
CA ILE A 304 11.14 0.49 -7.35
C ILE A 304 11.69 1.56 -6.41
N GLN A 305 12.91 1.36 -5.88
CA GLN A 305 13.51 2.35 -4.95
C GLN A 305 13.61 3.71 -5.66
N ILE A 306 14.13 3.76 -6.89
CA ILE A 306 14.44 5.04 -7.57
C ILE A 306 13.14 5.75 -7.96
N ILE A 307 12.19 5.04 -8.57
CA ILE A 307 10.89 5.67 -8.89
C ILE A 307 10.31 6.28 -7.60
N THR A 308 10.40 5.54 -6.49
CA THR A 308 9.76 5.95 -5.23
C THR A 308 10.47 7.17 -4.68
N PHE A 309 11.80 7.14 -4.50
CA PHE A 309 12.54 8.21 -3.78
C PHE A 309 12.79 9.40 -4.72
N ARG A 310 12.96 9.17 -6.02
CA ARG A 310 13.32 10.25 -6.99
C ARG A 310 12.05 10.92 -7.50
N ASP A 311 11.01 10.17 -7.86
CA ASP A 311 9.82 10.75 -8.56
C ASP A 311 8.59 10.89 -7.63
N TYR A 312 8.29 9.92 -6.80
CA TYR A 312 7.03 9.89 -6.02
C TYR A 312 7.12 10.76 -4.75
N LEU A 313 8.08 10.50 -3.86
CA LEU A 313 8.10 11.12 -2.50
C LEU A 313 8.21 12.65 -2.61
N PRO A 314 8.97 13.23 -3.56
CA PRO A 314 9.03 14.69 -3.69
C PRO A 314 7.67 15.34 -3.93
N ILE A 315 6.78 14.69 -4.68
CA ILE A 315 5.43 15.25 -4.99
C ILE A 315 4.41 14.80 -3.94
N VAL A 316 4.78 13.94 -2.98
CA VAL A 316 3.97 13.66 -1.76
C VAL A 316 4.34 14.69 -0.69
N LEU A 317 5.63 14.78 -0.37
CA LEU A 317 6.16 15.52 0.81
CA LEU A 317 6.14 15.52 0.81
C LEU A 317 6.41 16.99 0.45
N GLY A 318 6.50 17.32 -0.84
CA GLY A 318 6.71 18.71 -1.27
C GLY A 318 7.83 19.38 -0.49
N SER A 319 7.54 20.50 0.17
CA SER A 319 8.49 21.36 0.92
C SER A 319 9.13 20.60 2.10
N GLU A 320 8.52 19.50 2.55
CA GLU A 320 9.01 18.76 3.73
C GLU A 320 10.01 17.70 3.29
N MET A 321 10.19 17.50 1.98
CA MET A 321 11.10 16.45 1.45
C MET A 321 12.50 16.67 2.05
N GLN A 322 13.03 17.89 1.97
CA GLN A 322 14.42 18.15 2.43
C GLN A 322 14.50 18.08 3.97
N LYS A 323 13.43 18.39 4.69
CA LYS A 323 13.39 18.29 6.17
C LYS A 323 13.61 16.83 6.61
N TRP A 324 12.86 15.86 6.08
CA TRP A 324 12.74 14.48 6.63
C TRP A 324 13.63 13.48 5.88
N ILE A 325 13.95 13.75 4.61
CA ILE A 325 14.69 12.84 3.69
C ILE A 325 15.79 13.63 2.99
N PRO A 326 16.88 13.98 3.72
CA PRO A 326 18.03 14.60 3.10
C PRO A 326 18.69 13.70 2.05
N PRO A 327 19.47 14.29 1.14
CA PRO A 327 20.28 13.53 0.19
C PRO A 327 21.02 12.40 0.90
N TYR A 328 21.04 11.21 0.26
CA TYR A 328 21.61 9.97 0.82
C TYR A 328 23.09 10.18 1.12
N GLN A 329 23.53 9.72 2.28
CA GLN A 329 24.92 9.85 2.75
C GLN A 329 25.52 8.46 3.01
N GLY A 330 24.79 7.37 2.82
CA GLY A 330 25.33 6.02 3.06
C GLY A 330 24.50 5.19 4.01
N TYR A 331 24.79 3.90 4.06
CA TYR A 331 24.11 2.94 4.96
C TYR A 331 24.51 3.25 6.40
N ASN A 332 23.51 3.40 7.25
CA ASN A 332 23.67 3.55 8.71
C ASN A 332 23.06 2.33 9.43
N ASN A 333 23.90 1.39 9.88
CA ASN A 333 23.43 0.13 10.52
C ASN A 333 22.89 0.39 11.92
N SER A 334 22.93 1.64 12.41
CA SER A 334 22.26 2.04 13.68
C SER A 334 20.80 2.48 13.45
N VAL A 335 20.33 2.63 12.21
CA VAL A 335 18.94 3.06 11.89
C VAL A 335 18.02 1.84 12.00
N ASP A 336 16.84 2.00 12.61
CA ASP A 336 15.82 0.93 12.67
C ASP A 336 15.06 0.92 11.34
N PRO A 337 15.22 -0.10 10.48
CA PRO A 337 14.51 -0.16 9.19
C PRO A 337 13.06 -0.66 9.26
N ARG A 338 12.59 -1.07 10.44
CA ARG A 338 11.26 -1.68 10.63
C ARG A 338 10.20 -0.64 10.31
N ILE A 339 9.14 -1.08 9.64
CA ILE A 339 7.93 -0.24 9.45
C ILE A 339 7.28 -0.13 10.83
N SER A 340 6.93 1.09 11.19
CA SER A 340 6.20 1.39 12.44
C SER A 340 4.70 1.11 12.25
N ASN A 341 4.01 0.86 13.35
CA ASN A 341 2.56 0.58 13.36
C ASN A 341 1.84 1.84 12.83
N VAL A 342 2.26 3.03 13.27
CA VAL A 342 1.58 4.28 12.84
C VAL A 342 1.75 4.49 11.33
N PHE A 343 2.93 4.21 10.76
CA PHE A 343 3.16 4.41 9.30
C PHE A 343 2.07 3.70 8.48
N THR A 344 1.63 2.52 8.93
CA THR A 344 0.67 1.69 8.21
C THR A 344 -0.69 2.43 8.17
N PHE A 345 -0.92 3.40 9.07
CA PHE A 345 -2.09 4.31 9.05
C PHE A 345 -1.74 5.60 8.28
N ALA A 346 -0.56 6.15 8.46
CA ALA A 346 -0.16 7.40 7.78
C ALA A 346 -0.27 7.17 6.26
N PHE A 347 0.11 6.00 5.76
CA PHE A 347 0.24 5.75 4.31
C PHE A 347 -1.17 5.58 3.72
N ARG A 348 -2.21 5.41 4.57
CA ARG A 348 -3.61 5.33 4.09
C ARG A 348 -4.11 6.73 3.70
N PHE A 349 -3.23 7.73 3.59
CA PHE A 349 -3.60 9.00 2.93
C PHE A 349 -4.04 8.69 1.50
N GLY A 350 -3.44 7.68 0.86
CA GLY A 350 -3.80 7.23 -0.50
C GLY A 350 -5.30 7.02 -0.68
N HIS A 351 -6.04 6.65 0.37
CA HIS A 351 -7.49 6.36 0.29
C HIS A 351 -8.26 7.62 -0.16
N MET A 352 -7.76 8.83 0.12
CA MET A 352 -8.44 10.07 -0.28
CA MET A 352 -8.40 10.10 -0.26
C MET A 352 -8.01 10.52 -1.69
N GLU A 353 -7.18 9.72 -2.39
CA GLU A 353 -6.67 10.06 -3.74
C GLU A 353 -7.28 9.12 -4.78
N VAL A 354 -8.15 8.21 -4.33
CA VAL A 354 -8.79 7.21 -5.21
C VAL A 354 -10.05 7.82 -5.78
N PRO A 355 -10.14 7.97 -7.11
CA PRO A 355 -11.31 8.56 -7.72
C PRO A 355 -12.41 7.51 -7.94
N SER A 356 -13.58 7.97 -8.36
CA SER A 356 -14.83 7.15 -8.37
C SER A 356 -14.91 6.22 -9.60
N THR A 357 -14.07 6.45 -10.62
CA THR A 357 -14.15 5.69 -11.88
C THR A 357 -12.77 5.29 -12.39
N VAL A 358 -12.76 4.25 -13.24
CA VAL A 358 -11.58 3.79 -14.01
C VAL A 358 -11.96 3.74 -15.49
N SER A 359 -11.08 4.26 -16.34
CA SER A 359 -11.28 4.34 -17.80
C SER A 359 -10.29 3.40 -18.50
N ARG A 360 -10.76 2.78 -19.59
CA ARG A 360 -9.92 2.07 -20.58
C ARG A 360 -9.87 2.96 -21.84
N LEU A 361 -8.68 3.21 -22.38
CA LEU A 361 -8.47 4.04 -23.60
C LEU A 361 -7.73 3.23 -24.68
N ASP A 362 -8.10 3.43 -25.93
CA ASP A 362 -7.53 2.69 -27.08
C ASP A 362 -6.23 3.33 -27.52
N GLU A 363 -5.65 2.78 -28.58
CA GLU A 363 -4.32 3.14 -29.16
C GLU A 363 -4.30 4.62 -29.52
N ASN A 364 -5.46 5.28 -29.61
CA ASN A 364 -5.59 6.72 -29.96
C ASN A 364 -5.90 7.56 -28.70
N TYR A 365 -5.90 6.95 -27.50
CA TYR A 365 -6.21 7.59 -26.19
C TYR A 365 -7.66 8.08 -26.18
N GLN A 366 -8.51 7.38 -26.92
CA GLN A 366 -9.97 7.61 -26.99
C GLN A 366 -10.67 6.54 -26.18
N PRO A 367 -11.94 6.72 -25.81
CA PRO A 367 -12.68 5.71 -25.06
C PRO A 367 -12.63 4.31 -25.67
N TRP A 368 -12.21 3.36 -24.87
CA TRP A 368 -12.21 1.93 -25.27
CA TRP A 368 -12.21 1.91 -25.23
C TRP A 368 -13.64 1.37 -25.16
N GLY A 369 -14.34 1.30 -26.29
CA GLY A 369 -15.66 0.65 -26.38
C GLY A 369 -16.78 1.47 -25.75
N PRO A 370 -17.98 0.86 -25.58
CA PRO A 370 -19.17 1.59 -25.16
C PRO A 370 -19.26 1.80 -23.62
N GLU A 371 -18.53 1.00 -22.82
CA GLU A 371 -18.42 1.28 -21.37
C GLU A 371 -16.96 1.50 -20.99
N ALA A 372 -16.28 2.45 -21.63
CA ALA A 372 -14.84 2.69 -21.42
C ALA A 372 -14.62 3.03 -19.96
N GLU A 373 -15.53 3.87 -19.43
CA GLU A 373 -15.47 4.36 -18.02
C GLU A 373 -16.38 3.48 -17.15
N LEU A 374 -15.84 2.96 -16.04
CA LEU A 374 -16.60 2.06 -15.13
C LEU A 374 -16.51 2.57 -13.69
N PRO A 375 -17.52 2.32 -12.83
CA PRO A 375 -17.42 2.67 -11.42
C PRO A 375 -16.39 1.75 -10.75
N LEU A 376 -15.56 2.34 -9.89
CA LEU A 376 -14.46 1.65 -9.14
CA LEU A 376 -14.46 1.61 -9.19
C LEU A 376 -15.03 0.38 -8.48
N HIS A 377 -16.20 0.48 -7.85
CA HIS A 377 -16.67 -0.65 -6.99
C HIS A 377 -16.90 -1.89 -7.83
N THR A 378 -17.15 -1.76 -9.14
CA THR A 378 -17.35 -2.93 -10.03
C THR A 378 -15.99 -3.58 -10.32
N LEU A 379 -14.88 -2.98 -9.91
CA LEU A 379 -13.54 -3.43 -10.33
C LEU A 379 -12.74 -3.98 -9.13
N PHE A 380 -13.37 -4.10 -7.96
CA PHE A 380 -12.75 -4.77 -6.81
C PHE A 380 -12.67 -6.25 -7.16
N PHE A 381 -11.48 -6.84 -7.02
CA PHE A 381 -11.24 -8.29 -7.26
C PHE A 381 -11.71 -8.65 -8.67
N ASN A 382 -11.59 -7.68 -9.60
CA ASN A 382 -12.00 -7.85 -11.00
C ASN A 382 -10.77 -8.16 -11.85
N THR A 383 -10.60 -9.43 -12.19
CA THR A 383 -9.56 -9.84 -13.19
C THR A 383 -10.21 -10.13 -14.54
N TRP A 384 -11.50 -10.46 -14.60
CA TRP A 384 -12.14 -10.81 -15.90
C TRP A 384 -12.09 -9.61 -16.86
N ARG A 385 -12.25 -8.38 -16.36
CA ARG A 385 -12.23 -7.15 -17.20
C ARG A 385 -10.85 -6.96 -17.83
N ILE A 386 -9.78 -7.52 -17.26
CA ILE A 386 -8.45 -7.52 -17.91
C ILE A 386 -8.43 -8.57 -19.04
N ILE A 387 -8.59 -9.85 -18.73
CA ILE A 387 -8.44 -10.95 -19.72
C ILE A 387 -9.45 -10.79 -20.86
N LYS A 388 -10.68 -10.46 -20.53
CA LYS A 388 -11.85 -10.59 -21.43
C LYS A 388 -12.21 -9.21 -22.00
N ASP A 389 -11.51 -8.13 -21.60
CA ASP A 389 -11.88 -6.78 -22.10
C ASP A 389 -10.65 -5.93 -22.47
N GLY A 390 -9.68 -6.51 -23.18
CA GLY A 390 -8.62 -5.76 -23.89
C GLY A 390 -7.24 -5.84 -23.25
N GLY A 391 -7.07 -6.61 -22.20
CA GLY A 391 -5.77 -6.76 -21.52
C GLY A 391 -5.39 -5.49 -20.80
N ILE A 392 -4.11 -5.26 -20.50
CA ILE A 392 -3.74 -4.17 -19.55
C ILE A 392 -3.48 -2.86 -20.30
N ASP A 393 -3.23 -2.87 -21.61
CA ASP A 393 -2.88 -1.61 -22.34
C ASP A 393 -3.95 -0.53 -22.16
N PRO A 394 -5.27 -0.79 -22.39
CA PRO A 394 -6.26 0.27 -22.22
C PRO A 394 -6.26 0.83 -20.79
N LEU A 395 -5.99 -0.02 -19.81
CA LEU A 395 -5.96 0.38 -18.37
C LEU A 395 -4.72 1.23 -18.09
N VAL A 396 -3.57 0.84 -18.64
CA VAL A 396 -2.32 1.64 -18.49
C VAL A 396 -2.52 3.01 -19.16
N ARG A 397 -3.15 3.08 -20.33
CA ARG A 397 -3.37 4.40 -20.99
C ARG A 397 -4.20 5.30 -20.07
N GLY A 398 -5.20 4.73 -19.39
CA GLY A 398 -6.02 5.46 -18.41
C GLY A 398 -5.23 5.90 -17.20
N LEU A 399 -4.31 5.05 -16.72
CA LEU A 399 -3.41 5.46 -15.60
C LEU A 399 -2.60 6.72 -16.00
N LEU A 400 -2.22 6.84 -17.28
CA LEU A 400 -1.39 8.01 -17.71
C LEU A 400 -2.25 9.24 -17.97
N ALA A 401 -3.43 9.10 -18.55
CA ALA A 401 -4.21 10.20 -19.15
C ALA A 401 -5.33 10.68 -18.22
N LYS A 402 -5.64 9.91 -17.17
CA LYS A 402 -6.70 10.26 -16.20
C LYS A 402 -6.01 10.68 -14.90
N LYS A 403 -6.76 11.30 -14.01
CA LYS A 403 -6.16 11.96 -12.82
C LYS A 403 -6.52 11.20 -11.55
N SER A 404 -5.64 11.31 -10.55
CA SER A 404 -5.96 10.95 -9.14
C SER A 404 -7.07 11.86 -8.65
N LYS A 405 -7.78 11.42 -7.62
CA LYS A 405 -8.65 12.30 -6.81
C LYS A 405 -7.71 13.15 -5.94
N LEU A 406 -8.09 14.42 -5.77
CA LEU A 406 -7.42 15.36 -4.87
C LEU A 406 -8.07 15.27 -3.49
N MET A 407 -7.24 15.12 -2.47
CA MET A 407 -7.75 15.16 -1.07
CA MET A 407 -7.73 15.17 -1.06
C MET A 407 -8.45 16.51 -0.88
N ASN A 408 -9.60 16.49 -0.21
CA ASN A 408 -10.47 17.68 -0.03
C ASN A 408 -11.11 17.58 1.36
N GLN A 409 -10.97 18.61 2.20
CA GLN A 409 -11.53 18.58 3.57
C GLN A 409 -13.05 18.33 3.55
N ASP A 410 -13.73 18.67 2.46
CA ASP A 410 -15.19 18.53 2.27
C ASP A 410 -15.55 17.29 1.45
N LYS A 411 -14.57 16.65 0.81
CA LYS A 411 -14.77 15.46 -0.05
C LYS A 411 -13.60 14.48 0.15
N MET A 412 -13.61 13.73 1.22
CA MET A 412 -12.40 12.99 1.63
C MET A 412 -12.30 11.66 0.87
N VAL A 413 -13.27 10.76 1.03
CA VAL A 413 -13.20 9.37 0.47
C VAL A 413 -14.47 9.10 -0.35
N THR A 414 -14.27 8.76 -1.63
CA THR A 414 -15.36 8.40 -2.57
C THR A 414 -16.23 7.28 -1.98
N SER A 415 -17.53 7.38 -2.19
CA SER A 415 -18.51 6.33 -1.81
C SER A 415 -18.20 4.98 -2.45
N GLU A 416 -17.40 4.93 -3.52
CA GLU A 416 -16.98 3.63 -4.11
C GLU A 416 -16.24 2.81 -3.05
N LEU A 417 -15.48 3.47 -2.18
CA LEU A 417 -14.69 2.87 -1.07
C LEU A 417 -15.44 3.02 0.26
N ARG A 418 -16.17 4.11 0.42
CA ARG A 418 -16.76 4.46 1.74
C ARG A 418 -18.08 3.72 1.94
N ASN A 419 -18.76 3.32 0.87
CA ASN A 419 -20.06 2.62 1.00
C ASN A 419 -20.12 1.32 0.20
N LYS A 420 -19.28 1.15 -0.82
CA LYS A 420 -19.42 0.01 -1.78
C LYS A 420 -18.20 -0.91 -1.79
N LEU A 421 -17.33 -0.84 -0.78
CA LEU A 421 -16.16 -1.74 -0.71
C LEU A 421 -16.61 -3.21 -0.69
N PHE A 422 -15.95 -4.06 -1.47
CA PHE A 422 -16.09 -5.54 -1.36
C PHE A 422 -14.90 -6.10 -0.56
N GLN A 423 -15.21 -6.95 0.41
CA GLN A 423 -14.21 -7.73 1.19
C GLN A 423 -14.38 -9.22 0.92
N PRO A 424 -13.29 -10.00 0.70
CA PRO A 424 -13.44 -11.45 0.53
C PRO A 424 -14.19 -12.16 1.68
N THR A 425 -15.12 -13.05 1.28
CA THR A 425 -16.00 -13.92 2.10
C THR A 425 -17.26 -13.18 2.57
N HIS A 426 -17.35 -11.86 2.35
CA HIS A 426 -18.45 -11.05 2.95
C HIS A 426 -19.52 -10.66 1.92
N LYS A 427 -19.40 -11.17 0.69
CA LYS A 427 -20.53 -11.30 -0.29
C LYS A 427 -20.99 -9.98 -0.91
N ILE A 428 -21.00 -8.86 -0.18
CA ILE A 428 -21.70 -7.62 -0.62
C ILE A 428 -20.69 -6.53 -0.98
N HIS A 429 -21.07 -5.62 -1.88
CA HIS A 429 -20.36 -4.35 -2.15
C HIS A 429 -20.91 -3.26 -1.22
N GLY A 430 -20.60 -3.38 0.08
CA GLY A 430 -21.32 -2.63 1.13
C GLY A 430 -20.46 -2.21 2.29
N PHE A 431 -19.15 -2.35 2.19
CA PHE A 431 -18.24 -1.99 3.29
C PHE A 431 -17.72 -0.57 3.09
N ASP A 432 -17.06 -0.06 4.14
CA ASP A 432 -16.66 1.35 4.35
C ASP A 432 -15.18 1.33 4.76
N LEU A 433 -14.30 1.56 3.81
CA LEU A 433 -12.83 1.55 4.05
C LEU A 433 -12.47 2.61 5.10
N ALA A 434 -13.16 3.77 5.09
CA ALA A 434 -12.88 4.85 6.07
C ALA A 434 -13.18 4.35 7.48
N ALA A 435 -14.34 3.73 7.69
CA ALA A 435 -14.77 3.22 9.01
C ALA A 435 -13.81 2.10 9.40
N ILE A 436 -13.46 1.24 8.44
CA ILE A 436 -12.47 0.15 8.67
C ILE A 436 -11.16 0.80 9.13
N ASN A 437 -10.71 1.88 8.49
CA ASN A 437 -9.40 2.50 8.86
C ASN A 437 -9.46 2.99 10.31
N LEU A 438 -10.57 3.62 10.70
CA LEU A 438 -10.78 4.15 12.09
C LEU A 438 -10.79 3.00 13.09
N GLN A 439 -11.55 1.94 12.80
CA GLN A 439 -11.67 0.77 13.70
C GLN A 439 -10.29 0.10 13.85
N ARG A 440 -9.55 0.02 12.74
CA ARG A 440 -8.19 -0.56 12.72
C ARG A 440 -7.20 0.27 13.55
N CYS A 441 -7.25 1.59 13.47
CA CYS A 441 -6.45 2.49 14.33
C CYS A 441 -6.62 2.05 15.79
N ARG A 442 -7.85 1.79 16.21
CA ARG A 442 -8.13 1.43 17.63
C ARG A 442 -7.69 -0.01 17.91
N ASP A 443 -7.99 -0.92 16.99
CA ASP A 443 -7.52 -2.33 16.96
C ASP A 443 -6.01 -2.35 17.29
N HIS A 444 -5.23 -1.50 16.63
CA HIS A 444 -3.74 -1.47 16.68
C HIS A 444 -3.21 -0.64 17.87
N GLY A 445 -4.06 -0.13 18.75
CA GLY A 445 -3.62 0.63 19.94
C GLY A 445 -3.02 2.00 19.63
N MET A 446 -3.55 2.71 18.65
CA MET A 446 -2.88 3.96 18.17
C MET A 446 -3.04 5.04 19.24
N PRO A 447 -1.93 5.71 19.67
CA PRO A 447 -2.01 7.01 20.33
C PRO A 447 -2.80 7.95 19.42
N GLY A 448 -3.49 8.91 20.03
CA GLY A 448 -4.35 9.85 19.30
C GLY A 448 -3.59 10.97 18.61
N TYR A 449 -4.33 11.83 17.90
CA TYR A 449 -3.82 12.92 17.04
C TYR A 449 -2.76 13.76 17.79
N ASN A 450 -3.04 14.23 18.99
CA ASN A 450 -2.09 15.15 19.69
C ASN A 450 -0.79 14.44 20.11
N SER A 451 -0.82 13.15 20.41
CA SER A 451 0.40 12.38 20.77
C SER A 451 1.33 12.42 19.56
N TRP A 452 0.77 12.24 18.36
CA TRP A 452 1.58 12.26 17.12
C TRP A 452 2.01 13.70 16.78
N ARG A 453 1.16 14.70 16.98
CA ARG A 453 1.55 16.13 16.83
C ARG A 453 2.80 16.39 17.70
N GLY A 454 2.76 15.98 18.97
CA GLY A 454 3.92 16.10 19.90
C GLY A 454 5.15 15.40 19.35
N PHE A 455 4.97 14.16 18.92
CA PHE A 455 6.05 13.34 18.36
C PHE A 455 6.77 14.08 17.22
N CYS A 456 6.00 14.87 16.47
CA CYS A 456 6.44 15.59 15.26
C CYS A 456 6.81 17.05 15.58
N GLY A 457 6.89 17.45 16.86
CA GLY A 457 7.27 18.81 17.26
C GLY A 457 6.23 19.84 16.81
N LEU A 458 4.95 19.45 16.70
CA LEU A 458 3.84 20.35 16.26
C LEU A 458 2.95 20.69 17.45
N SER A 459 2.24 21.82 17.38
CA SER A 459 1.28 22.27 18.43
C SER A 459 0.22 21.19 18.63
N GLN A 460 -0.31 21.11 19.86
CA GLN A 460 -1.34 20.14 20.27
C GLN A 460 -2.59 20.95 20.64
N PRO A 461 -3.48 21.23 19.66
CA PRO A 461 -4.69 22.01 19.94
C PRO A 461 -5.57 21.36 21.01
N LYS A 462 -6.05 22.13 21.98
CA LYS A 462 -6.87 21.60 23.11
C LYS A 462 -8.34 22.02 22.97
N THR A 463 -8.62 23.07 22.20
CA THR A 463 -9.97 23.70 22.09
C THR A 463 -10.42 23.69 20.62
N LEU A 464 -11.72 23.92 20.39
CA LEU A 464 -12.31 24.15 19.05
CA LEU A 464 -12.30 24.14 19.05
C LEU A 464 -11.45 25.13 18.27
N LYS A 465 -11.17 26.28 18.88
CA LYS A 465 -10.51 27.39 18.16
C LYS A 465 -9.08 26.96 17.80
N GLY A 466 -8.41 26.25 18.68
CA GLY A 466 -7.05 25.73 18.42
C GLY A 466 -7.07 24.76 17.25
N LEU A 467 -8.06 23.86 17.20
CA LEU A 467 -8.17 22.86 16.11
C LEU A 467 -8.56 23.58 14.82
N GLN A 468 -9.42 24.60 14.91
CA GLN A 468 -9.85 25.35 13.70
C GLN A 468 -8.61 25.98 13.08
N THR A 469 -7.71 26.52 13.89
CA THR A 469 -6.45 27.16 13.41
C THR A 469 -5.53 26.09 12.79
N VAL A 470 -5.35 24.94 13.44
CA VAL A 470 -4.45 23.89 12.86
C VAL A 470 -5.02 23.41 11.52
N LEU A 471 -6.32 23.12 11.46
CA LEU A 471 -7.00 22.56 10.25
CA LEU A 471 -6.96 22.56 10.24
C LEU A 471 -7.27 23.67 9.22
N LYS A 472 -7.21 24.95 9.63
CA LYS A 472 -7.56 26.08 8.70
C LYS A 472 -8.98 25.87 8.16
N ASN A 473 -9.89 25.43 9.01
CA ASN A 473 -11.23 25.01 8.59
C ASN A 473 -12.14 24.95 9.80
N LYS A 474 -13.05 25.91 9.92
CA LYS A 474 -13.91 25.98 11.12
C LYS A 474 -14.90 24.82 11.12
N ILE A 475 -15.55 24.55 10.00
CA ILE A 475 -16.69 23.57 9.97
C ILE A 475 -16.13 22.18 10.25
N LEU A 476 -15.02 21.80 9.61
CA LEU A 476 -14.42 20.45 9.82
C LEU A 476 -13.96 20.30 11.27
N ALA A 477 -13.33 21.32 11.84
CA ALA A 477 -12.93 21.29 13.26
C ALA A 477 -14.16 21.15 14.14
N LYS A 478 -15.28 21.82 13.82
CA LYS A 478 -16.50 21.73 14.66
CA LYS A 478 -16.49 21.72 14.67
C LYS A 478 -17.04 20.30 14.55
N LYS A 479 -17.08 19.73 13.34
CA LYS A 479 -17.59 18.33 13.17
C LYS A 479 -16.72 17.35 13.97
N LEU A 480 -15.39 17.49 13.90
CA LEU A 480 -14.41 16.68 14.68
CA LEU A 480 -14.47 16.62 14.67
C LEU A 480 -14.70 16.85 16.17
N MET A 481 -14.80 18.08 16.65
CA MET A 481 -15.02 18.30 18.12
C MET A 481 -16.38 17.76 18.57
N ASP A 482 -17.45 17.91 17.77
CA ASP A 482 -18.79 17.40 18.15
C ASP A 482 -18.70 15.87 18.36
N LEU A 483 -17.91 15.17 17.56
CA LEU A 483 -17.83 13.68 17.65
C LEU A 483 -16.78 13.22 18.68
N TYR A 484 -15.60 13.84 18.67
CA TYR A 484 -14.43 13.41 19.47
C TYR A 484 -14.34 14.15 20.81
N LYS A 485 -14.88 15.39 20.90
CA LYS A 485 -14.95 16.22 22.14
C LYS A 485 -13.60 16.80 22.58
N THR A 486 -12.46 16.15 22.30
CA THR A 486 -11.11 16.72 22.49
C THR A 486 -10.24 16.28 21.33
N PRO A 487 -9.31 17.12 20.84
CA PRO A 487 -8.41 16.67 19.76
C PRO A 487 -7.47 15.55 20.22
N ASP A 488 -7.31 15.35 21.54
CA ASP A 488 -6.53 14.20 22.08
C ASP A 488 -7.11 12.86 21.65
N ASN A 489 -8.42 12.78 21.33
CA ASN A 489 -9.13 11.51 21.04
C ASN A 489 -9.26 11.29 19.53
N ILE A 490 -8.93 12.28 18.71
CA ILE A 490 -9.07 12.13 17.23
C ILE A 490 -8.14 11.01 16.75
N ASP A 491 -8.70 10.04 16.02
CA ASP A 491 -7.95 8.88 15.48
C ASP A 491 -6.93 9.45 14.49
N ILE A 492 -5.71 8.94 14.51
CA ILE A 492 -4.56 9.48 13.74
C ILE A 492 -4.90 9.50 12.24
N TRP A 493 -5.60 8.49 11.72
CA TRP A 493 -5.88 8.44 10.26
C TRP A 493 -6.69 9.67 9.84
N ILE A 494 -7.74 10.01 10.59
CA ILE A 494 -8.64 11.14 10.23
C ILE A 494 -7.96 12.47 10.59
N GLY A 495 -7.25 12.58 11.71
CA GLY A 495 -6.60 13.84 12.13
C GLY A 495 -5.47 14.20 11.20
N GLY A 496 -4.61 13.23 10.86
CA GLY A 496 -3.53 13.44 9.90
C GLY A 496 -4.05 13.86 8.54
N ASN A 497 -5.07 13.20 8.02
CA ASN A 497 -5.60 13.50 6.67
C ASN A 497 -6.47 14.77 6.68
N ALA A 498 -6.90 15.24 7.86
CA ALA A 498 -7.73 16.47 7.96
C ALA A 498 -6.88 17.72 7.76
N GLU A 499 -5.54 17.62 7.87
CA GLU A 499 -4.64 18.80 7.83
C GLU A 499 -4.48 19.27 6.39
N PRO A 500 -4.44 20.60 6.15
CA PRO A 500 -4.16 21.12 4.82
C PRO A 500 -2.77 20.69 4.30
N MET A 501 -2.69 20.37 3.01
CA MET A 501 -1.48 19.88 2.29
CA MET A 501 -1.45 19.83 2.39
C MET A 501 -0.37 20.94 2.33
N VAL A 502 0.87 20.53 2.50
CA VAL A 502 2.08 21.41 2.47
C VAL A 502 2.30 21.87 1.03
N GLU A 503 3.05 22.97 0.84
CA GLU A 503 3.25 23.48 -0.55
C GLU A 503 4.01 22.41 -1.34
N ARG A 504 3.53 22.19 -2.55
CA ARG A 504 4.06 21.28 -3.60
C ARG A 504 3.85 19.83 -3.17
N GLY A 505 3.05 19.55 -2.14
CA GLY A 505 2.87 18.19 -1.61
C GLY A 505 1.41 17.79 -1.62
N ARG A 506 1.09 16.62 -1.11
CA ARG A 506 -0.28 16.05 -1.12
C ARG A 506 -0.66 15.54 0.27
N VAL A 507 0.13 15.85 1.30
CA VAL A 507 -0.18 15.55 2.71
C VAL A 507 0.14 16.77 3.54
N GLY A 508 -0.45 16.84 4.73
CA GLY A 508 -0.23 17.97 5.64
C GLY A 508 1.06 17.77 6.43
N PRO A 509 1.36 18.68 7.38
CA PRO A 509 2.58 18.60 8.20
C PRO A 509 2.78 17.30 9.01
N LEU A 510 1.74 16.89 9.72
CA LEU A 510 1.84 15.71 10.61
C LEU A 510 2.20 14.48 9.76
N LEU A 511 1.49 14.25 8.65
CA LEU A 511 1.74 13.09 7.76
CA LEU A 511 1.75 13.08 7.78
C LEU A 511 3.12 13.22 7.11
N ALA A 512 3.50 14.43 6.73
CA ALA A 512 4.82 14.61 6.05
C ALA A 512 5.91 14.14 7.01
N CYS A 513 5.73 14.43 8.30
CA CYS A 513 6.69 14.07 9.37
C CYS A 513 6.68 12.54 9.59
N LEU A 514 5.51 11.91 9.71
CA LEU A 514 5.47 10.44 9.99
C LEU A 514 5.94 9.65 8.75
N LEU A 515 5.50 10.04 7.53
CA LEU A 515 5.92 9.42 6.25
C LEU A 515 7.42 9.66 6.03
N GLY A 516 7.87 10.92 6.11
CA GLY A 516 9.28 11.29 5.90
C GLY A 516 10.24 10.52 6.80
N ARG A 517 9.99 10.47 8.09
CA ARG A 517 10.80 9.68 9.06
C ARG A 517 10.84 8.22 8.65
N GLN A 518 9.71 7.64 8.25
CA GLN A 518 9.68 6.20 7.92
C GLN A 518 10.51 5.97 6.66
N PHE A 519 10.29 6.75 5.60
CA PHE A 519 11.01 6.56 4.32
C PHE A 519 12.51 6.83 4.51
N GLN A 520 12.87 7.82 5.32
CA GLN A 520 14.30 8.06 5.65
C GLN A 520 14.85 6.78 6.29
N GLN A 521 14.10 6.12 7.19
CA GLN A 521 14.63 4.93 7.91
C GLN A 521 14.73 3.72 6.98
N ILE A 522 13.77 3.48 6.09
CA ILE A 522 13.88 2.31 5.18
C ILE A 522 14.99 2.51 4.15
N ARG A 523 15.33 3.75 3.80
CA ARG A 523 16.47 4.01 2.90
C ARG A 523 17.77 3.83 3.71
N ASP A 524 17.96 4.62 4.76
CA ASP A 524 19.24 4.72 5.49
C ASP A 524 19.57 3.40 6.20
N GLY A 525 18.56 2.63 6.64
CA GLY A 525 18.73 1.36 7.38
C GLY A 525 18.78 0.11 6.50
N ASP A 526 18.93 0.25 5.19
CA ASP A 526 18.89 -0.88 4.22
C ASP A 526 20.31 -1.08 3.65
N ARG A 527 20.94 -2.20 3.98
CA ARG A 527 22.31 -2.50 3.52
C ARG A 527 22.33 -2.73 2.01
N PHE A 528 21.17 -3.03 1.40
CA PHE A 528 21.04 -3.31 -0.05
C PHE A 528 20.41 -2.10 -0.77
N TRP A 529 20.32 -0.96 -0.11
CA TRP A 529 19.93 0.30 -0.79
C TRP A 529 20.73 0.43 -2.10
N TRP A 530 20.07 0.77 -3.19
CA TRP A 530 20.70 0.73 -4.54
C TRP A 530 21.95 1.62 -4.58
N GLU A 531 21.96 2.73 -3.85
CA GLU A 531 23.07 3.72 -3.95
C GLU A 531 24.18 3.45 -2.91
N ASN A 532 24.00 2.44 -2.04
CA ASN A 532 25.01 2.00 -1.06
C ASN A 532 26.23 1.47 -1.84
N PRO A 533 27.44 2.02 -1.68
CA PRO A 533 28.60 1.43 -2.34
C PRO A 533 28.70 -0.09 -2.22
N GLY A 534 28.94 -0.74 -3.36
CA GLY A 534 29.18 -2.18 -3.44
C GLY A 534 27.92 -2.99 -3.65
N VAL A 535 26.76 -2.36 -3.52
CA VAL A 535 25.49 -3.02 -3.94
C VAL A 535 25.51 -3.14 -5.47
N PHE A 536 25.61 -2.02 -6.16
CA PHE A 536 25.88 -1.96 -7.62
C PHE A 536 27.27 -1.35 -7.80
N THR A 537 27.76 -1.37 -9.04
CA THR A 537 29.01 -0.70 -9.46
C THR A 537 28.70 0.74 -9.83
N GLU A 538 29.74 1.57 -9.87
CA GLU A 538 29.59 2.97 -10.36
C GLU A 538 28.86 3.00 -11.70
N LYS A 539 29.27 2.16 -12.67
CA LYS A 539 28.69 2.19 -14.03
C LYS A 539 27.22 1.73 -13.97
N GLN A 540 26.90 0.79 -13.07
CA GLN A 540 25.50 0.28 -12.92
C GLN A 540 24.62 1.41 -12.37
N ARG A 541 25.08 2.10 -11.33
CA ARG A 541 24.35 3.25 -10.74
C ARG A 541 24.10 4.30 -11.84
N ASP A 542 25.05 4.50 -12.76
CA ASP A 542 24.88 5.53 -13.83
C ASP A 542 23.73 5.08 -14.73
N SER A 543 23.73 3.82 -15.17
CA SER A 543 22.62 3.22 -15.96
CA SER A 543 22.62 3.25 -15.97
C SER A 543 21.31 3.36 -15.17
N LEU A 544 21.32 3.03 -13.88
CA LEU A 544 20.03 2.98 -13.10
C LEU A 544 19.41 4.39 -13.01
N GLN A 545 20.23 5.44 -12.98
CA GLN A 545 19.72 6.84 -12.92
C GLN A 545 18.72 7.09 -14.05
N LYS A 546 18.77 6.35 -15.16
CA LYS A 546 17.92 6.63 -16.35
C LYS A 546 16.59 5.86 -16.32
N VAL A 547 16.30 5.04 -15.29
CA VAL A 547 14.97 4.37 -15.17
C VAL A 547 13.86 5.42 -15.12
N SER A 548 12.69 5.03 -15.65
CA SER A 548 11.44 5.82 -15.65
C SER A 548 10.25 4.89 -15.75
N PHE A 549 9.12 5.29 -15.17
CA PHE A 549 7.86 4.54 -15.33
C PHE A 549 7.50 4.52 -16.81
N SER A 550 7.85 5.55 -17.57
CA SER A 550 7.51 5.68 -19.00
C SER A 550 8.21 4.56 -19.79
N ARG A 551 9.48 4.30 -19.48
CA ARG A 551 10.28 3.25 -20.13
C ARG A 551 9.70 1.89 -19.70
N LEU A 552 9.35 1.75 -18.42
CA LEU A 552 8.72 0.49 -17.93
C LEU A 552 7.50 0.19 -18.82
N ILE A 553 6.68 1.19 -19.11
CA ILE A 553 5.46 1.02 -19.95
C ILE A 553 5.88 0.64 -21.39
N CYS A 554 6.77 1.43 -22.00
CA CYS A 554 7.24 1.20 -23.39
C CYS A 554 7.77 -0.23 -23.57
N ASP A 555 8.53 -0.72 -22.59
CA ASP A 555 9.21 -2.03 -22.64
C ASP A 555 8.24 -3.19 -22.45
N ASN A 556 7.08 -2.99 -21.79
CA ASN A 556 6.26 -4.12 -21.25
C ASN A 556 4.77 -4.03 -21.64
N THR A 557 4.45 -3.22 -22.65
CA THR A 557 3.12 -3.07 -23.28
C THR A 557 3.29 -2.85 -24.79
N HIS A 558 2.19 -2.68 -25.53
CA HIS A 558 2.22 -2.27 -26.96
C HIS A 558 1.85 -0.80 -27.07
N ILE A 559 1.94 -0.04 -25.97
CA ILE A 559 1.67 1.43 -25.99
C ILE A 559 2.82 2.11 -26.73
N THR A 560 2.52 2.95 -27.73
CA THR A 560 3.50 3.61 -28.63
C THR A 560 3.93 4.96 -28.08
N LYS A 561 3.06 5.60 -27.29
CA LYS A 561 3.25 7.00 -26.82
C LYS A 561 2.96 7.12 -25.32
N VAL A 562 3.87 7.80 -24.64
CA VAL A 562 3.88 7.97 -23.18
C VAL A 562 4.37 9.37 -22.84
N PRO A 563 4.04 9.86 -21.64
CA PRO A 563 4.57 11.13 -21.17
C PRO A 563 5.94 10.89 -20.55
N LEU A 564 6.76 11.92 -20.50
CA LEU A 564 8.12 11.88 -19.88
C LEU A 564 7.98 11.85 -18.37
N HIS A 565 6.97 12.52 -17.79
CA HIS A 565 6.82 12.67 -16.32
C HIS A 565 5.46 12.06 -15.92
N ALA A 566 5.43 10.75 -15.73
CA ALA A 566 4.17 9.97 -15.70
C ALA A 566 3.30 10.29 -14.47
N PHE A 567 3.88 10.79 -13.37
CA PHE A 567 3.10 11.10 -12.13
C PHE A 567 2.34 12.42 -12.25
N GLN A 568 2.73 13.34 -13.13
CA GLN A 568 1.96 14.60 -13.24
C GLN A 568 0.76 14.39 -14.19
N ALA A 569 -0.16 15.35 -14.20
CA ALA A 569 -1.32 15.33 -15.10
C ALA A 569 -0.73 15.51 -16.51
N ASN A 570 -1.05 14.57 -17.39
CA ASN A 570 -0.59 14.59 -18.80
C ASN A 570 -1.84 14.44 -19.69
N ASN A 571 -1.88 15.19 -20.77
CA ASN A 571 -2.99 15.12 -21.75
C ASN A 571 -2.46 14.73 -23.13
N TYR A 572 -3.20 13.88 -23.83
CA TYR A 572 -2.84 13.37 -25.16
C TYR A 572 -3.52 14.27 -26.19
N PRO A 573 -2.83 14.68 -27.28
CA PRO A 573 -1.48 14.23 -27.60
C PRO A 573 -0.33 15.10 -27.06
N HIS A 574 -0.65 16.30 -26.59
CA HIS A 574 0.32 17.38 -26.30
C HIS A 574 1.47 16.84 -25.45
N ASP A 575 1.18 16.13 -24.36
CA ASP A 575 2.19 15.77 -23.33
C ASP A 575 2.77 14.37 -23.57
N PHE A 576 2.46 13.72 -24.69
CA PHE A 576 2.85 12.32 -24.99
C PHE A 576 3.89 12.29 -26.13
N VAL A 577 4.97 11.54 -25.94
CA VAL A 577 6.08 11.43 -26.92
C VAL A 577 6.19 9.99 -27.38
N ASP A 578 6.90 9.79 -28.49
CA ASP A 578 7.15 8.41 -28.97
C ASP A 578 8.04 7.72 -27.94
N CYS A 579 7.77 6.45 -27.68
CA CYS A 579 8.60 5.55 -26.84
C CYS A 579 10.08 5.64 -27.28
N SER A 580 10.40 5.74 -28.58
CA SER A 580 11.81 5.73 -29.09
C SER A 580 12.60 6.91 -28.51
N THR A 581 11.90 7.89 -27.99
CA THR A 581 12.43 9.16 -27.46
C THR A 581 12.77 9.00 -25.95
N VAL A 582 12.29 7.96 -25.30
CA VAL A 582 12.39 7.81 -23.81
C VAL A 582 13.70 7.10 -23.47
N ASP A 583 14.43 7.55 -22.45
CA ASP A 583 15.70 6.85 -22.11
C ASP A 583 15.45 5.37 -21.81
N LYS A 584 16.46 4.54 -22.09
CA LYS A 584 16.44 3.08 -21.87
C LYS A 584 17.34 2.75 -20.69
N LEU A 585 17.09 1.60 -20.08
CA LEU A 585 18.02 1.01 -19.09
C LEU A 585 19.09 0.22 -19.88
N ASP A 586 20.30 0.76 -19.89
CA ASP A 586 21.49 0.15 -20.52
C ASP A 586 22.00 -0.94 -19.57
N LEU A 587 21.87 -2.21 -19.94
CA LEU A 587 22.29 -3.34 -19.09
C LEU A 587 23.74 -3.75 -19.37
N SER A 588 24.47 -3.06 -20.24
CA SER A 588 25.84 -3.51 -20.64
C SER A 588 26.76 -3.51 -19.43
N PRO A 589 26.58 -2.60 -18.44
CA PRO A 589 27.36 -2.71 -17.20
C PRO A 589 27.12 -3.96 -16.33
N TRP A 590 26.13 -4.79 -16.66
CA TRP A 590 25.89 -6.09 -15.97
C TRP A 590 26.68 -7.24 -16.66
N ALA A 591 27.47 -6.95 -17.69
CA ALA A 591 28.45 -7.91 -18.26
C ALA A 591 29.25 -8.54 -17.11
N SER A 592 29.34 -9.88 -17.09
CA SER A 592 29.95 -10.62 -15.97
C SER A 592 31.34 -10.03 -15.66
N ARG A 593 32.14 -9.79 -16.70
CA ARG A 593 33.34 -8.88 -16.67
C ARG A 593 34.35 -9.08 -17.82
N GLU A 594 35.33 -8.14 -17.90
CA GLU A 594 35.65 -7.37 -19.12
C GLU A 594 37.13 -7.34 -19.52
N ASN A 595 37.95 -6.52 -18.81
CA ASN A 595 39.19 -5.81 -19.27
C ASN A 595 38.86 -4.35 -19.59
#